data_5UUL
#
_entry.id   5UUL
#
_cell.length_a   43.213
_cell.length_b   43.428
_cell.length_c   47.384
_cell.angle_alpha   90.000
_cell.angle_beta   114.390
_cell.angle_gamma   90.000
#
_symmetry.space_group_name_H-M   'P 1 21 1'
#
loop_
_entity.id
_entity.type
_entity.pdbx_description
1 polymer 'Bcl-2-related protein A1'
2 polymer 'Bcl-2-binding component 3'
3 non-polymer 'SULFATE ION'
4 water water
#
loop_
_entity_poly.entity_id
_entity_poly.type
_entity_poly.pdbx_seq_one_letter_code
_entity_poly.pdbx_strand_id
1 'polypeptide(L)'
;GMTDCEFGYIYRLAQDYLQCVLQIPQPGSGPSKTSRVLQNVAFSVQKEVEKNLKSCLDNVNVVSVDTARTLFNQVMEKEF
EDGIINWGRIVTIFAFEGILIKKLLRQQIAPDVDTYKEISYFVAEFIMNNTGEWIRQNGGWENGFVKKFEPK
;
A
2 'polypeptide(L)' (ACE)QWAREIGAQLRRMADDLNAQYER(NH2) B
#
loop_
_chem_comp.id
_chem_comp.type
_chem_comp.name
_chem_comp.formula
ACE non-polymer 'ACETYL GROUP' 'C2 H4 O'
NH2 non-polymer 'AMINO GROUP' 'H2 N'
SO4 non-polymer 'SULFATE ION' 'O4 S -2'
#
# COMPACT_ATOMS: atom_id res chain seq x y z
N GLY A 1 1.46 -17.86 7.12
CA GLY A 1 1.88 -19.19 6.59
C GLY A 1 1.86 -19.27 5.08
N MET A 2 1.96 -20.49 4.58
CA MET A 2 2.10 -20.70 3.14
CA MET A 2 2.10 -20.71 3.15
C MET A 2 0.95 -20.09 2.36
N THR A 3 -0.27 -20.10 2.92
CA THR A 3 -1.43 -19.60 2.20
C THR A 3 -1.74 -18.14 2.48
N ASP A 4 -0.89 -17.43 3.23
CA ASP A 4 -1.16 -16.01 3.49
C ASP A 4 -0.96 -15.13 2.27
N CYS A 5 -0.67 -15.72 1.10
CA CYS A 5 -0.60 -15.01 -0.16
C CYS A 5 -1.93 -15.02 -0.92
N GLU A 6 -3.00 -15.50 -0.31
CA GLU A 6 -4.32 -15.59 -0.94
C GLU A 6 -5.17 -14.36 -0.62
N PHE A 7 -6.32 -14.27 -1.32
CA PHE A 7 -7.00 -12.99 -1.41
C PHE A 7 -7.50 -12.52 -0.06
N GLY A 8 -8.18 -13.40 0.68
CA GLY A 8 -8.79 -12.97 1.93
C GLY A 8 -7.80 -12.37 2.90
N TYR A 9 -6.63 -12.99 3.03
CA TYR A 9 -5.61 -12.50 3.96
C TYR A 9 -5.11 -11.14 3.51
N ILE A 10 -4.83 -11.01 2.21
CA ILE A 10 -4.29 -9.74 1.69
C ILE A 10 -5.35 -8.65 1.78
N TYR A 11 -6.60 -8.98 1.49
CA TYR A 11 -7.67 -8.00 1.59
C TYR A 11 -7.81 -7.48 3.01
N ARG A 12 -7.66 -8.37 3.99
CA ARG A 12 -7.72 -7.93 5.38
C ARG A 12 -6.56 -7.00 5.71
N LEU A 13 -5.34 -7.31 5.24
CA LEU A 13 -4.23 -6.39 5.45
C LEU A 13 -4.52 -5.02 4.84
N ALA A 14 -5.03 -5.00 3.60
CA ALA A 14 -5.28 -3.73 2.93
C ALA A 14 -6.37 -2.93 3.64
N GLN A 15 -7.41 -3.62 4.11
CA GLN A 15 -8.49 -2.95 4.86
C GLN A 15 -7.98 -2.44 6.19
N ASP A 16 -7.21 -3.26 6.91
CA ASP A 16 -6.66 -2.85 8.20
C ASP A 16 -5.87 -1.56 8.04
N TYR A 17 -5.06 -1.47 6.99
CA TYR A 17 -4.23 -0.29 6.82
C TYR A 17 -5.08 0.95 6.55
N LEU A 18 -6.13 0.82 5.72
CA LEU A 18 -6.98 1.99 5.49
C LEU A 18 -7.74 2.39 6.75
N GLN A 19 -8.14 1.43 7.58
CA GLN A 19 -8.79 1.76 8.84
C GLN A 19 -7.83 2.49 9.76
N CYS A 20 -6.55 2.10 9.74
CA CYS A 20 -5.53 2.82 10.48
C CYS A 20 -5.44 4.26 10.00
N VAL A 21 -5.32 4.46 8.69
CA VAL A 21 -5.18 5.82 8.16
C VAL A 21 -6.41 6.67 8.49
N LEU A 22 -7.59 6.11 8.31
CA LEU A 22 -8.82 6.85 8.58
C LEU A 22 -9.15 6.95 10.05
N GLN A 23 -8.38 6.31 10.92
CA GLN A 23 -8.65 6.34 12.36
C GLN A 23 -10.02 5.75 12.65
N ILE A 24 -10.34 4.65 11.99
CA ILE A 24 -11.55 3.89 12.24
C ILE A 24 -11.19 2.83 13.26
N PRO A 25 -11.98 2.65 14.32
CA PRO A 25 -11.71 1.56 15.25
C PRO A 25 -12.28 0.26 14.69
N GLN A 26 -11.43 -0.75 14.53
CA GLN A 26 -11.91 -2.10 14.31
C GLN A 26 -11.91 -2.83 15.65
N PRO A 27 -13.05 -3.31 16.13
CA PRO A 27 -13.11 -3.83 17.51
C PRO A 27 -12.48 -5.21 17.62
N GLY A 28 -12.07 -5.52 18.85
CA GLY A 28 -11.42 -6.77 19.17
C GLY A 28 -10.09 -6.53 19.86
N SER A 29 -9.39 -7.65 20.13
CA SER A 29 -8.08 -7.55 20.73
C SER A 29 -7.15 -6.68 19.90
N GLY A 30 -7.25 -6.78 18.58
CA GLY A 30 -6.50 -5.93 17.70
C GLY A 30 -6.12 -6.61 16.40
N PRO A 31 -5.48 -5.87 15.51
CA PRO A 31 -5.02 -6.46 14.25
C PRO A 31 -3.99 -7.55 14.49
N SER A 32 -3.77 -8.34 13.44
CA SER A 32 -2.82 -9.43 13.50
C SER A 32 -1.40 -8.89 13.67
N LYS A 33 -0.48 -9.81 13.98
CA LYS A 33 0.92 -9.43 14.08
C LYS A 33 1.41 -8.83 12.77
N THR A 34 1.03 -9.44 11.63
CA THR A 34 1.46 -8.89 10.34
C THR A 34 1.00 -7.46 10.22
N SER A 35 -0.29 -7.22 10.46
CA SER A 35 -0.83 -5.88 10.27
CA SER A 35 -0.83 -5.89 10.26
C SER A 35 -0.17 -4.88 11.19
N ARG A 36 0.10 -5.28 12.44
CA ARG A 36 0.72 -4.37 13.39
C ARG A 36 2.10 -3.92 12.90
N VAL A 37 2.88 -4.85 12.37
CA VAL A 37 4.20 -4.48 11.84
C VAL A 37 4.06 -3.67 10.56
N LEU A 38 3.16 -4.08 9.68
CA LEU A 38 3.00 -3.39 8.41
C LEU A 38 2.53 -1.94 8.61
N GLN A 39 1.60 -1.70 9.53
CA GLN A 39 1.05 -0.36 9.65
CA GLN A 39 1.06 -0.36 9.65
C GLN A 39 2.14 0.65 10.03
N ASN A 40 3.08 0.27 10.89
CA ASN A 40 4.13 1.21 11.30
C ASN A 40 5.02 1.60 10.12
N VAL A 41 5.50 0.61 9.37
CA VAL A 41 6.44 0.95 8.30
C VAL A 41 5.71 1.60 7.13
N ALA A 42 4.50 1.13 6.82
CA ALA A 42 3.75 1.73 5.73
C ALA A 42 3.41 3.19 6.02
N PHE A 43 3.05 3.49 7.27
CA PHE A 43 2.73 4.87 7.59
C PHE A 43 3.96 5.76 7.51
N SER A 44 5.11 5.27 8.00
CA SER A 44 6.35 6.03 7.88
C SER A 44 6.64 6.37 6.43
N VAL A 45 6.52 5.38 5.56
CA VAL A 45 6.74 5.59 4.13
C VAL A 45 5.69 6.56 3.57
N GLN A 46 4.43 6.37 3.94
CA GLN A 46 3.37 7.24 3.44
C GLN A 46 3.68 8.70 3.71
N LYS A 47 4.10 9.02 4.94
CA LYS A 47 4.42 10.41 5.27
CA LYS A 47 4.41 10.41 5.25
C LYS A 47 5.56 10.94 4.40
N GLU A 48 6.57 10.11 4.13
CA GLU A 48 7.67 10.56 3.30
CA GLU A 48 7.68 10.55 3.31
C GLU A 48 7.23 10.74 1.86
N VAL A 49 6.36 9.87 1.35
CA VAL A 49 5.84 10.01 0.00
C VAL A 49 5.03 11.30 -0.11
N GLU A 50 4.18 11.56 0.88
CA GLU A 50 3.37 12.78 0.86
C GLU A 50 4.26 14.02 0.80
N LYS A 51 5.38 14.01 1.52
CA LYS A 51 6.28 15.15 1.54
CA LYS A 51 6.28 15.15 1.54
C LYS A 51 7.08 15.25 0.25
N ASN A 52 7.66 14.13 -0.19
CA ASN A 52 8.54 14.15 -1.36
C ASN A 52 7.78 14.45 -2.64
N LEU A 53 6.56 13.91 -2.78
CA LEU A 53 5.76 14.10 -3.99
C LEU A 53 4.65 15.13 -3.81
N LYS A 54 4.80 16.06 -2.86
CA LYS A 54 3.71 16.99 -2.57
C LYS A 54 3.28 17.77 -3.81
N SER A 55 4.23 18.30 -4.57
CA SER A 55 3.87 19.07 -5.76
CA SER A 55 3.87 19.07 -5.76
C SER A 55 3.11 18.20 -6.76
N CYS A 56 3.60 16.98 -6.99
CA CYS A 56 2.91 16.07 -7.89
CA CYS A 56 2.90 16.06 -7.89
C CYS A 56 1.50 15.76 -7.39
N LEU A 57 1.39 15.39 -6.10
CA LEU A 57 0.11 14.99 -5.54
C LEU A 57 -0.88 16.14 -5.43
N ASP A 58 -0.43 17.39 -5.52
CA ASP A 58 -1.38 18.51 -5.56
C ASP A 58 -2.18 18.51 -6.85
N ASN A 59 -1.64 17.94 -7.92
CA ASN A 59 -2.34 17.85 -9.19
C ASN A 59 -3.26 16.65 -9.27
N VAL A 60 -3.34 15.87 -8.20
CA VAL A 60 -4.10 14.62 -8.19
C VAL A 60 -5.44 14.86 -7.50
N ASN A 61 -6.50 14.71 -8.27
CA ASN A 61 -7.88 14.84 -7.78
C ASN A 61 -8.52 13.46 -7.85
N VAL A 62 -8.83 12.89 -6.69
CA VAL A 62 -9.36 11.53 -6.59
C VAL A 62 -10.83 11.70 -6.23
N VAL A 63 -11.68 11.82 -7.25
CA VAL A 63 -13.07 12.25 -7.06
C VAL A 63 -14.05 11.10 -6.99
N SER A 64 -13.60 9.87 -7.24
CA SER A 64 -14.50 8.73 -7.30
C SER A 64 -13.67 7.48 -7.12
N VAL A 65 -14.36 6.38 -6.79
CA VAL A 65 -13.67 5.09 -6.72
C VAL A 65 -13.10 4.71 -8.08
N ASP A 66 -13.79 5.04 -9.17
CA ASP A 66 -13.29 4.67 -10.49
C ASP A 66 -12.00 5.40 -10.81
N THR A 67 -11.90 6.69 -10.45
CA THR A 67 -10.64 7.41 -10.64
CA THR A 67 -10.63 7.40 -10.64
C THR A 67 -9.56 6.85 -9.72
N ALA A 68 -9.90 6.56 -8.47
CA ALA A 68 -8.92 5.93 -7.58
C ALA A 68 -8.38 4.64 -8.17
N ARG A 69 -9.25 3.81 -8.76
CA ARG A 69 -8.84 2.52 -9.31
C ARG A 69 -7.94 2.70 -10.52
N THR A 70 -8.34 3.53 -11.49
CA THR A 70 -7.48 3.73 -12.66
C THR A 70 -6.16 4.36 -12.27
N LEU A 71 -6.18 5.32 -11.34
CA LEU A 71 -4.94 5.96 -10.91
C LEU A 71 -4.04 4.96 -10.22
N PHE A 72 -4.59 4.19 -9.29
CA PHE A 72 -3.82 3.16 -8.62
C PHE A 72 -3.18 2.21 -9.63
N ASN A 73 -3.97 1.72 -10.59
CA ASN A 73 -3.42 0.76 -11.54
C ASN A 73 -2.38 1.40 -12.45
N GLN A 74 -2.57 2.67 -12.82
CA GLN A 74 -1.58 3.35 -13.65
C GLN A 74 -0.27 3.51 -12.90
N VAL A 75 -0.36 3.93 -11.63
CA VAL A 75 0.84 4.12 -10.80
C VAL A 75 1.55 2.80 -10.57
N MET A 76 0.80 1.75 -10.20
CA MET A 76 1.40 0.45 -9.92
C MET A 76 1.97 -0.19 -11.18
N GLU A 77 1.26 -0.10 -12.31
CA GLU A 77 1.81 -0.61 -13.57
C GLU A 77 3.20 -0.04 -13.81
N LYS A 78 3.33 1.28 -13.65
CA LYS A 78 4.63 1.91 -13.89
C LYS A 78 5.65 1.53 -12.83
N GLU A 79 5.26 1.54 -11.55
CA GLU A 79 6.21 1.20 -10.50
C GLU A 79 6.86 -0.17 -10.73
N PHE A 80 6.05 -1.16 -11.11
CA PHE A 80 6.48 -2.55 -11.18
C PHE A 80 6.88 -3.01 -12.59
N GLU A 81 6.96 -2.09 -13.56
CA GLU A 81 7.12 -2.52 -14.94
C GLU A 81 8.46 -3.15 -15.24
N ASP A 82 9.46 -2.98 -14.38
CA ASP A 82 10.77 -3.62 -14.58
C ASP A 82 10.80 -5.07 -14.13
N GLY A 83 9.69 -5.59 -13.62
CA GLY A 83 9.63 -6.99 -13.25
C GLY A 83 10.20 -7.32 -11.89
N ILE A 84 10.69 -6.34 -11.15
CA ILE A 84 11.28 -6.56 -9.84
C ILE A 84 10.18 -6.47 -8.78
N ILE A 85 10.25 -7.36 -7.81
CA ILE A 85 9.39 -7.33 -6.64
C ILE A 85 10.28 -7.46 -5.42
N ASN A 86 10.03 -6.65 -4.39
CA ASN A 86 10.68 -6.80 -3.11
C ASN A 86 9.73 -6.26 -2.05
N TRP A 87 10.09 -6.48 -0.78
CA TRP A 87 9.17 -6.06 0.29
C TRP A 87 9.02 -4.55 0.36
N GLY A 88 10.07 -3.78 0.07
CA GLY A 88 9.93 -2.33 0.07
C GLY A 88 8.88 -1.86 -0.90
N ARG A 89 8.88 -2.44 -2.11
CA ARG A 89 7.86 -2.09 -3.09
C ARG A 89 6.48 -2.48 -2.61
N ILE A 90 6.35 -3.66 -2.00
CA ILE A 90 5.06 -4.06 -1.48
C ILE A 90 4.57 -3.08 -0.41
N VAL A 91 5.47 -2.63 0.46
CA VAL A 91 5.09 -1.64 1.46
C VAL A 91 4.57 -0.36 0.79
N THR A 92 5.20 0.07 -0.31
CA THR A 92 4.71 1.28 -0.98
C THR A 92 3.31 1.12 -1.56
N ILE A 93 2.86 -0.10 -1.85
CA ILE A 93 1.49 -0.30 -2.29
C ILE A 93 0.52 0.14 -1.20
N PHE A 94 0.80 -0.27 0.04
CA PHE A 94 -0.03 0.11 1.18
C PHE A 94 0.06 1.62 1.43
N ALA A 95 1.27 2.17 1.41
CA ALA A 95 1.39 3.61 1.56
C ALA A 95 0.56 4.35 0.52
N PHE A 96 0.58 3.88 -0.73
CA PHE A 96 -0.15 4.61 -1.76
C PHE A 96 -1.65 4.50 -1.57
N GLU A 97 -2.17 3.33 -1.17
CA GLU A 97 -3.61 3.29 -0.91
C GLU A 97 -4.00 4.22 0.24
N GLY A 98 -3.08 4.43 1.20
CA GLY A 98 -3.35 5.39 2.26
C GLY A 98 -3.48 6.81 1.74
N ILE A 99 -2.64 7.16 0.78
CA ILE A 99 -2.75 8.47 0.15
C ILE A 99 -4.08 8.59 -0.60
N LEU A 100 -4.47 7.54 -1.32
CA LEU A 100 -5.72 7.58 -2.06
C LEU A 100 -6.92 7.77 -1.14
N ILE A 101 -6.94 7.07 -0.01
CA ILE A 101 -8.11 7.17 0.85
C ILE A 101 -8.20 8.55 1.49
N LYS A 102 -7.06 9.19 1.77
CA LYS A 102 -7.07 10.56 2.28
C LYS A 102 -7.56 11.54 1.23
N LYS A 103 -7.12 11.38 -0.02
CA LYS A 103 -7.60 12.25 -1.07
C LYS A 103 -9.10 12.06 -1.28
N LEU A 104 -9.56 10.81 -1.30
CA LEU A 104 -10.99 10.56 -1.44
C LEU A 104 -11.77 11.21 -0.30
N LEU A 105 -11.27 11.12 0.92
CA LEU A 105 -12.01 11.68 2.04
C LEU A 105 -12.31 13.15 1.81
N ARG A 106 -11.38 13.87 1.17
CA ARG A 106 -11.55 15.28 0.88
CA ARG A 106 -11.55 15.28 0.88
C ARG A 106 -12.32 15.53 -0.41
N GLN A 107 -12.06 14.73 -1.45
CA GLN A 107 -12.45 15.06 -2.81
C GLN A 107 -13.56 14.19 -3.40
N GLN A 108 -13.93 13.08 -2.76
CA GLN A 108 -14.89 12.19 -3.39
C GLN A 108 -16.23 12.87 -3.55
N ILE A 109 -16.76 12.85 -4.77
CA ILE A 109 -18.01 13.57 -5.04
C ILE A 109 -19.16 12.98 -4.24
N ALA A 110 -19.28 11.65 -4.26
CA ALA A 110 -20.38 10.95 -3.60
C ALA A 110 -19.80 9.96 -2.59
N PRO A 111 -19.37 10.43 -1.42
CA PRO A 111 -18.73 9.51 -0.48
C PRO A 111 -19.73 8.54 0.14
N ASP A 112 -19.21 7.38 0.51
CA ASP A 112 -19.97 6.30 1.11
C ASP A 112 -19.10 5.68 2.18
N VAL A 113 -19.72 5.25 3.29
CA VAL A 113 -18.95 4.71 4.40
C VAL A 113 -18.20 3.43 4.03
N ASP A 114 -18.61 2.72 2.97
CA ASP A 114 -17.90 1.52 2.57
C ASP A 114 -16.78 1.78 1.58
N THR A 115 -16.45 3.05 1.31
CA THR A 115 -15.48 3.35 0.26
C THR A 115 -14.16 2.65 0.52
N TYR A 116 -13.69 2.66 1.76
CA TYR A 116 -12.38 2.04 2.02
C TYR A 116 -12.39 0.56 1.72
N LYS A 117 -13.56 -0.09 1.78
CA LYS A 117 -13.64 -1.51 1.42
C LYS A 117 -13.47 -1.72 -0.07
N GLU A 118 -13.90 -0.75 -0.88
CA GLU A 118 -13.75 -0.86 -2.33
C GLU A 118 -12.31 -0.59 -2.74
N ILE A 119 -11.66 0.39 -2.12
CA ILE A 119 -10.27 0.70 -2.43
C ILE A 119 -9.40 -0.49 -2.06
N SER A 120 -9.52 -0.97 -0.83
CA SER A 120 -8.69 -2.08 -0.40
CA SER A 120 -8.71 -2.10 -0.38
C SER A 120 -8.92 -3.31 -1.26
N TYR A 121 -10.10 -3.44 -1.86
CA TYR A 121 -10.38 -4.59 -2.70
C TYR A 121 -9.50 -4.60 -3.94
N PHE A 122 -9.45 -3.49 -4.68
CA PHE A 122 -8.62 -3.47 -5.88
C PHE A 122 -7.13 -3.45 -5.54
N VAL A 123 -6.78 -2.98 -4.35
CA VAL A 123 -5.40 -3.08 -3.89
C VAL A 123 -5.03 -4.53 -3.69
N ALA A 124 -5.90 -5.30 -3.02
CA ALA A 124 -5.66 -6.72 -2.83
C ALA A 124 -5.58 -7.46 -4.16
N GLU A 125 -6.44 -7.11 -5.12
CA GLU A 125 -6.37 -7.72 -6.44
C GLU A 125 -4.99 -7.56 -7.04
N PHE A 126 -4.47 -6.33 -6.99
CA PHE A 126 -3.17 -6.07 -7.59
C PHE A 126 -2.09 -6.86 -6.86
N ILE A 127 -2.10 -6.82 -5.54
CA ILE A 127 -1.05 -7.51 -4.78
C ILE A 127 -1.07 -8.99 -5.10
N MET A 128 -2.26 -9.59 -5.06
CA MET A 128 -2.33 -11.01 -5.31
C MET A 128 -1.88 -11.35 -6.73
N ASN A 129 -2.43 -10.64 -7.73
CA ASN A 129 -2.18 -11.03 -9.12
C ASN A 129 -0.75 -10.75 -9.56
N ASN A 130 -0.14 -9.69 -9.03
CA ASN A 130 1.16 -9.26 -9.53
C ASN A 130 2.32 -9.61 -8.60
N THR A 131 2.07 -9.87 -7.31
CA THR A 131 3.13 -10.18 -6.37
C THR A 131 2.91 -11.44 -5.56
N GLY A 132 1.77 -12.11 -5.72
CA GLY A 132 1.45 -13.22 -4.83
C GLY A 132 2.44 -14.37 -4.91
N GLU A 133 2.86 -14.73 -6.13
CA GLU A 133 3.83 -15.81 -6.28
C GLU A 133 5.15 -15.47 -5.61
N TRP A 134 5.63 -14.25 -5.81
CA TRP A 134 6.87 -13.83 -5.17
C TRP A 134 6.72 -13.85 -3.66
N ILE A 135 5.59 -13.37 -3.15
CA ILE A 135 5.36 -13.39 -1.71
C ILE A 135 5.49 -14.81 -1.17
N ARG A 136 4.81 -15.76 -1.82
CA ARG A 136 4.87 -17.14 -1.34
CA ARG A 136 4.86 -17.14 -1.34
C ARG A 136 6.29 -17.67 -1.33
N GLN A 137 7.02 -17.47 -2.44
CA GLN A 137 8.38 -17.98 -2.57
C GLN A 137 9.34 -17.41 -1.54
N ASN A 138 9.04 -16.23 -1.01
CA ASN A 138 9.91 -15.55 -0.05
C ASN A 138 9.40 -15.65 1.38
N GLY A 139 8.56 -16.63 1.66
CA GLY A 139 8.17 -16.94 3.02
C GLY A 139 6.86 -16.32 3.44
N GLY A 140 6.17 -15.64 2.54
CA GLY A 140 4.91 -15.05 2.89
C GLY A 140 5.05 -13.92 3.90
N TRP A 141 3.89 -13.55 4.42
CA TRP A 141 3.84 -12.48 5.40
C TRP A 141 4.46 -12.91 6.72
N GLU A 142 4.22 -14.14 7.16
CA GLU A 142 4.70 -14.60 8.45
C GLU A 142 6.20 -14.91 8.45
N ASN A 143 6.67 -15.67 7.45
CA ASN A 143 8.07 -16.11 7.45
C ASN A 143 8.96 -15.22 6.60
N GLY A 144 8.40 -14.23 5.92
CA GLY A 144 9.16 -13.33 5.09
C GLY A 144 9.09 -11.93 5.63
N PHE A 145 7.95 -11.27 5.40
CA PHE A 145 7.81 -9.87 5.77
C PHE A 145 8.04 -9.65 7.26
N VAL A 146 7.27 -10.33 8.12
CA VAL A 146 7.36 -10.05 9.54
C VAL A 146 8.76 -10.32 10.05
N LYS A 147 9.39 -11.40 9.58
CA LYS A 147 10.72 -11.72 10.07
C LYS A 147 11.72 -10.63 9.74
N LYS A 148 11.58 -9.98 8.58
CA LYS A 148 12.52 -8.95 8.17
CA LYS A 148 12.52 -8.94 8.17
C LYS A 148 12.19 -7.59 8.77
N PHE A 149 10.91 -7.32 9.06
CA PHE A 149 10.50 -5.97 9.47
C PHE A 149 10.18 -5.82 10.94
N GLU A 150 10.01 -6.91 11.69
CA GLU A 150 9.73 -6.81 13.10
C GLU A 150 10.97 -6.34 13.84
N PRO A 151 10.82 -5.91 15.10
CA PRO A 151 11.99 -5.42 15.84
C PRO A 151 13.04 -6.51 16.01
N LYS A 152 14.29 -6.06 16.06
CA LYS A 152 15.39 -6.97 16.40
C LYS A 152 15.36 -7.28 17.90
C ACE B 1 -0.08 11.24 -16.85
O ACE B 1 0.41 10.28 -16.27
CH3 ACE B 1 -1.51 11.20 -17.34
H1 ACE B 1 -1.63 10.40 -18.03
H2 ACE B 1 -2.16 11.06 -16.53
H3 ACE B 1 -1.74 12.12 -17.82
N GLN B 2 0.63 12.39 -17.09
CA GLN B 2 2.04 12.51 -16.66
C GLN B 2 2.27 12.28 -15.17
N TRP B 3 1.31 12.69 -14.34
CA TRP B 3 1.51 12.65 -12.89
C TRP B 3 1.54 11.21 -12.40
N ALA B 4 0.61 10.38 -12.84
CA ALA B 4 0.60 8.99 -12.41
C ALA B 4 1.90 8.29 -12.79
N ARG B 5 2.41 8.58 -13.98
CA ARG B 5 3.64 7.92 -14.42
C ARG B 5 4.84 8.41 -13.61
N GLU B 6 4.89 9.70 -13.30
CA GLU B 6 5.93 10.23 -12.42
C GLU B 6 5.83 9.63 -11.02
N ILE B 7 4.62 9.53 -10.49
CA ILE B 7 4.46 8.96 -9.15
C ILE B 7 4.97 7.52 -9.13
N GLY B 8 4.61 6.73 -10.13
CA GLY B 8 5.06 5.34 -10.16
C GLY B 8 6.57 5.19 -10.19
N ALA B 9 7.24 5.98 -11.02
CA ALA B 9 8.70 5.93 -11.08
C ALA B 9 9.33 6.34 -9.75
N GLN B 10 8.78 7.39 -9.12
CA GLN B 10 9.33 7.85 -7.85
C GLN B 10 9.02 6.88 -6.72
N LEU B 11 7.85 6.24 -6.73
CA LEU B 11 7.59 5.23 -5.71
C LEU B 11 8.59 4.09 -5.83
N ARG B 12 8.93 3.68 -7.06
CA ARG B 12 9.94 2.65 -7.25
C ARG B 12 11.25 3.07 -6.61
N ARG B 13 11.68 4.30 -6.84
CA ARG B 13 12.94 4.77 -6.29
C ARG B 13 12.91 4.72 -4.77
N MET B 14 11.82 5.22 -4.18
CA MET B 14 11.72 5.24 -2.73
C MET B 14 11.60 3.83 -2.16
N ALA B 15 10.88 2.95 -2.84
CA ALA B 15 10.73 1.57 -2.41
C ALA B 15 12.05 0.83 -2.39
N ASP B 16 12.86 1.01 -3.44
CA ASP B 16 14.11 0.27 -3.52
C ASP B 16 15.10 0.78 -2.47
N ASP B 17 15.07 2.07 -2.17
CA ASP B 17 15.89 2.60 -1.09
CA ASP B 17 15.89 2.60 -1.08
C ASP B 17 15.42 2.04 0.26
N LEU B 18 14.11 2.05 0.49
CA LEU B 18 13.57 1.45 1.72
C LEU B 18 13.96 -0.01 1.81
N ASN B 19 13.79 -0.74 0.71
CA ASN B 19 14.04 -2.18 0.72
C ASN B 19 15.46 -2.51 1.15
N ALA B 20 16.44 -1.69 0.71
CA ALA B 20 17.83 -1.96 1.02
C ALA B 20 18.13 -1.93 2.51
N GLN B 21 17.30 -1.27 3.30
CA GLN B 21 17.48 -1.26 4.74
C GLN B 21 17.06 -2.57 5.40
N TYR B 22 16.33 -3.43 4.70
CA TYR B 22 15.85 -4.70 5.22
C TYR B 22 16.39 -5.90 4.47
N GLU B 23 16.66 -5.77 3.17
CA GLU B 23 17.28 -6.81 2.36
C GLU B 23 18.77 -6.45 2.23
N ARG B 24 19.60 -7.16 2.98
CA ARG B 24 21.01 -6.82 3.11
C ARG B 24 21.90 -7.66 2.17
N NH2 B 25 23.23 -7.47 2.27
HN1 NH2 B 25 23.82 -7.97 1.72
HN2 NH2 B 25 23.57 -6.84 2.91
S SO4 C . 23.38 1.09 4.62
O1 SO4 C . 23.08 1.36 3.22
O2 SO4 C . 23.61 2.35 5.33
O3 SO4 C . 24.58 0.27 4.74
O4 SO4 C . 22.26 0.39 5.24
#